data_3U4I
#
_entry.id   3U4I
#
_cell.length_a   42.223
_cell.length_b   53.998
_cell.length_c   66.547
_cell.angle_alpha   105.20
_cell.angle_beta   91.08
_cell.angle_gamma   94.68
#
_symmetry.space_group_name_H-M   'P 1'
#
loop_
_entity.id
_entity.type
_entity.pdbx_description
1 polymer 'ADP-ribosyl cyclase 1'
2 non-polymer "Cyclic adenosine 5'-diphosphocarbocyclic ribose"
3 water water
#
_entity_poly.entity_id   1
_entity_poly.type   'polypeptide(L)'
_entity_poly.pdbx_seq_one_letter_code
;KREAEARWRQTWSGPGTTKRFPETVLARCVKYTEIHPEMRHVDCQSVWDAFKGAFISKHPCDITEEDYQPLMKLGTQTVP
CNKILLWSRIKDLAHQFTQVQRDMFTLEDTLLGYLADDLTWCGEFDTSKINYQSCPDWRKDCSNNPVSVFWKTVSRRFAE
AACDVVHVMLDGSRSKIFDKDSTFGSVEVHNLQPEKVQTLEAWVIHGGREDSRDLCQDPTIKELESIISKRNIQFSCKNI
YRPDKFLQCVKNPEDSSCTSEI
;
_entity_poly.pdbx_strand_id   A,B
#
# COMPACT_ATOMS: atom_id res chain seq x y z
N ARG A 7 22.24 31.87 2.27
CA ARG A 7 23.65 32.15 1.98
C ARG A 7 24.57 31.68 3.12
N TRP A 8 24.29 32.15 4.32
CA TRP A 8 24.98 31.65 5.51
C TRP A 8 24.04 30.71 6.26
N ARG A 9 22.82 30.59 5.74
CA ARG A 9 21.84 29.64 6.24
C ARG A 9 21.09 29.02 5.06
N GLN A 10 20.72 27.75 5.17
CA GLN A 10 20.06 27.07 4.07
C GLN A 10 18.58 26.78 4.35
N THR A 11 17.83 26.45 3.31
CA THR A 11 16.38 26.25 3.41
C THR A 11 16.01 24.98 4.18
N TRP A 12 16.70 23.88 3.87
CA TRP A 12 16.43 22.57 4.46
C TRP A 12 17.58 22.16 5.39
N SER A 13 17.37 21.13 6.19
CA SER A 13 18.34 20.70 7.19
C SER A 13 19.33 19.64 6.68
N GLY A 14 19.00 19.01 5.55
CA GLY A 14 19.83 17.95 5.02
C GLY A 14 20.80 18.43 3.95
N PRO A 15 21.84 17.64 3.66
CA PRO A 15 22.84 17.97 2.64
C PRO A 15 22.20 18.10 1.25
N GLY A 16 22.78 18.94 0.41
CA GLY A 16 22.23 19.23 -0.91
C GLY A 16 22.43 18.07 -1.86
N THR A 17 21.93 18.24 -3.08
CA THR A 17 22.01 17.18 -4.09
C THR A 17 23.47 16.87 -4.43
N THR A 18 23.77 15.60 -4.72
CA THR A 18 25.15 15.24 -5.02
C THR A 18 25.64 15.97 -6.28
N LYS A 19 26.86 16.48 -6.25
CA LYS A 19 27.36 17.25 -7.39
C LYS A 19 27.36 16.40 -8.66
N ARG A 20 27.06 17.04 -9.80
CA ARG A 20 27.01 16.34 -11.08
C ARG A 20 25.97 15.23 -11.10
N PHE A 21 24.89 15.41 -10.33
CA PHE A 21 23.87 14.39 -10.23
C PHE A 21 23.40 13.85 -11.60
N PRO A 22 23.03 14.74 -12.53
CA PRO A 22 22.58 14.30 -13.86
C PRO A 22 23.59 13.40 -14.56
N GLU A 23 24.85 13.85 -14.62
CA GLU A 23 25.91 13.12 -15.30
C GLU A 23 26.15 11.78 -14.61
N THR A 24 26.13 11.77 -13.29
CA THR A 24 26.38 10.56 -12.51
C THR A 24 25.34 9.45 -12.74
N VAL A 25 24.06 9.81 -12.71
CA VAL A 25 22.98 8.84 -12.90
C VAL A 25 23.08 8.27 -14.31
N LEU A 26 23.25 9.15 -15.29
CA LEU A 26 23.37 8.73 -16.67
C LEU A 26 24.53 7.74 -16.90
N ALA A 27 25.70 8.02 -16.32
CA ALA A 27 26.85 7.16 -16.50
C ALA A 27 26.66 5.82 -15.80
N ARG A 28 26.04 5.84 -14.63
CA ARG A 28 25.76 4.61 -13.89
C ARG A 28 24.85 3.71 -14.71
N CYS A 29 23.89 4.33 -15.40
CA CYS A 29 22.95 3.59 -16.24
C CYS A 29 23.72 2.91 -17.38
N VAL A 30 24.57 3.68 -18.06
CA VAL A 30 25.42 3.16 -19.13
C VAL A 30 26.24 1.96 -18.65
N LYS A 31 26.98 2.15 -17.57
CA LYS A 31 27.82 1.09 -17.02
C LYS A 31 27.00 -0.16 -16.66
N TYR A 32 25.86 0.03 -15.99
CA TYR A 32 25.01 -1.10 -15.62
C TYR A 32 24.52 -1.85 -16.85
N THR A 33 24.05 -1.12 -17.87
CA THR A 33 23.49 -1.77 -19.05
C THR A 33 24.53 -2.43 -19.95
N GLU A 34 25.80 -2.10 -19.77
CA GLU A 34 26.87 -2.75 -20.54
C GLU A 34 27.24 -4.05 -19.87
N ILE A 35 27.09 -4.11 -18.56
CA ILE A 35 27.45 -5.31 -17.81
C ILE A 35 26.38 -6.39 -17.89
N HIS A 36 25.17 -6.05 -17.46
CA HIS A 36 24.07 -7.01 -17.36
C HIS A 36 23.31 -7.14 -18.69
N PRO A 37 23.41 -8.32 -19.33
CA PRO A 37 22.90 -8.47 -20.69
C PRO A 37 21.39 -8.30 -20.86
N GLU A 38 20.58 -8.69 -19.88
CA GLU A 38 19.13 -8.57 -20.00
C GLU A 38 18.62 -7.13 -19.90
N MET A 39 19.50 -6.20 -19.53
CA MET A 39 19.15 -4.77 -19.50
C MET A 39 19.91 -4.01 -20.60
N ARG A 40 20.44 -4.76 -21.56
CA ARG A 40 21.33 -4.21 -22.58
C ARG A 40 20.58 -3.39 -23.64
N HIS A 41 19.26 -3.33 -23.51
CA HIS A 41 18.44 -2.61 -24.48
C HIS A 41 17.93 -1.28 -23.94
N VAL A 42 17.81 -1.19 -22.63
CA VAL A 42 17.35 0.03 -21.95
C VAL A 42 18.00 1.30 -22.52
N ASP A 43 17.19 2.32 -22.76
CA ASP A 43 17.68 3.61 -23.26
C ASP A 43 17.94 4.53 -22.07
N CYS A 44 19.20 4.82 -21.79
CA CYS A 44 19.55 5.52 -20.56
C CYS A 44 19.11 6.99 -20.54
N GLN A 45 19.03 7.62 -21.70
CA GLN A 45 18.53 9.00 -21.77
C GLN A 45 17.08 9.08 -21.27
N SER A 46 16.26 8.11 -21.69
CA SER A 46 14.85 8.10 -21.28
C SER A 46 14.70 7.70 -19.82
N VAL A 47 15.64 6.91 -19.31
CA VAL A 47 15.61 6.57 -17.91
C VAL A 47 15.87 7.83 -17.09
N TRP A 48 16.88 8.58 -17.50
CA TRP A 48 17.20 9.84 -16.87
C TRP A 48 16.01 10.80 -16.91
N ASP A 49 15.42 10.94 -18.09
CA ASP A 49 14.23 11.79 -18.26
C ASP A 49 13.15 11.39 -17.27
N ALA A 50 12.94 10.09 -17.12
CA ALA A 50 11.91 9.59 -16.24
C ALA A 50 12.23 9.90 -14.77
N PHE A 51 13.50 9.76 -14.40
CA PHE A 51 13.97 10.04 -13.06
C PHE A 51 13.76 11.53 -12.74
N LYS A 52 14.27 12.38 -13.63
CA LYS A 52 14.09 13.84 -13.56
C LYS A 52 12.63 14.23 -13.35
N GLY A 53 11.74 13.62 -14.11
CA GLY A 53 10.34 13.97 -14.08
C GLY A 53 9.67 13.69 -12.75
N ALA A 54 10.24 12.79 -11.96
CA ALA A 54 9.66 12.46 -10.66
C ALA A 54 9.80 13.60 -9.63
N PHE A 55 10.84 14.41 -9.75
CA PHE A 55 11.10 15.42 -8.70
C PHE A 55 11.36 16.87 -9.16
N ILE A 56 11.65 17.07 -10.45
CA ILE A 56 11.91 18.42 -10.97
C ILE A 56 10.64 19.25 -10.98
N SER A 57 10.76 20.52 -10.59
CA SER A 57 9.63 21.46 -10.50
C SER A 57 8.55 21.04 -9.50
N LYS A 58 8.83 20.03 -8.68
CA LYS A 58 7.88 19.62 -7.66
C LYS A 58 8.35 20.07 -6.28
N HIS A 59 7.41 20.38 -5.39
CA HIS A 59 7.76 20.74 -4.02
C HIS A 59 8.39 19.50 -3.38
N PRO A 60 9.61 19.63 -2.83
CA PRO A 60 10.36 18.48 -2.30
C PRO A 60 9.80 17.91 -1.00
N CYS A 61 8.63 18.38 -0.57
CA CYS A 61 7.97 17.80 0.58
C CYS A 61 6.61 17.22 0.20
N ASP A 62 6.35 17.14 -1.10
CA ASP A 62 5.06 16.60 -1.57
C ASP A 62 5.24 15.57 -2.68
N ILE A 63 6.22 14.69 -2.51
CA ILE A 63 6.52 13.67 -3.51
C ILE A 63 5.72 12.41 -3.20
N THR A 64 5.13 11.78 -4.23
CA THR A 64 4.35 10.56 -4.02
C THR A 64 4.92 9.41 -4.84
N GLU A 65 4.44 8.20 -4.56
CA GLU A 65 4.95 7.02 -5.24
C GLU A 65 4.57 7.05 -6.72
N GLU A 66 3.49 7.75 -7.03
CA GLU A 66 3.05 7.87 -8.42
C GLU A 66 4.05 8.68 -9.24
N ASP A 67 4.68 9.65 -8.60
CA ASP A 67 5.70 10.46 -9.25
C ASP A 67 6.76 9.53 -9.88
N TYR A 68 7.06 8.42 -9.19
CA TYR A 68 8.14 7.53 -9.62
C TYR A 68 7.73 6.37 -10.57
N GLN A 69 6.45 6.27 -10.91
CA GLN A 69 5.99 5.11 -11.72
C GLN A 69 6.57 5.02 -13.14
N PRO A 70 6.76 6.16 -13.81
CA PRO A 70 7.43 6.11 -15.12
C PRO A 70 8.83 5.50 -15.03
N LEU A 71 9.60 5.90 -14.02
CA LEU A 71 10.92 5.35 -13.79
C LEU A 71 10.82 3.86 -13.45
N MET A 72 9.88 3.50 -12.58
CA MET A 72 9.70 2.10 -12.19
C MET A 72 9.41 1.24 -13.41
N LYS A 73 8.56 1.76 -14.30
CA LYS A 73 8.18 1.02 -15.49
C LYS A 73 9.40 0.78 -16.39
N LEU A 74 10.21 1.80 -16.57
CA LEU A 74 11.40 1.68 -17.40
C LEU A 74 12.45 0.78 -16.76
N GLY A 75 12.49 0.74 -15.43
CA GLY A 75 13.47 -0.05 -14.71
C GLY A 75 13.04 -1.45 -14.33
N THR A 76 11.90 -1.91 -14.86
CA THR A 76 11.40 -3.25 -14.56
C THR A 76 12.48 -4.28 -14.84
N GLN A 77 12.67 -5.22 -13.93
CA GLN A 77 13.75 -6.21 -14.04
C GLN A 77 13.39 -7.51 -13.32
N THR A 78 13.69 -8.64 -13.94
CA THR A 78 13.46 -9.94 -13.29
C THR A 78 14.68 -10.37 -12.46
N VAL A 79 14.45 -10.60 -11.17
CA VAL A 79 15.49 -11.12 -10.28
C VAL A 79 15.14 -12.56 -9.87
N PRO A 80 16.15 -13.42 -9.65
CA PRO A 80 15.88 -14.79 -9.22
C PRO A 80 15.18 -14.75 -7.87
N CYS A 81 13.91 -15.14 -7.83
CA CYS A 81 13.06 -14.81 -6.68
C CYS A 81 13.50 -15.52 -5.39
N ASN A 82 14.20 -16.65 -5.54
CA ASN A 82 14.67 -17.40 -4.38
C ASN A 82 16.07 -17.05 -3.88
N LYS A 83 16.67 -16.01 -4.43
CA LYS A 83 18.06 -15.68 -4.05
C LYS A 83 18.18 -14.23 -3.52
N ILE A 84 17.12 -13.74 -2.90
CA ILE A 84 17.10 -12.37 -2.42
C ILE A 84 17.74 -12.21 -1.05
N LEU A 85 18.66 -11.24 -0.95
CA LEU A 85 19.23 -10.84 0.33
C LEU A 85 18.79 -9.42 0.75
N LEU A 86 18.06 -9.34 1.85
CA LEU A 86 17.71 -8.06 2.47
C LEU A 86 18.74 -7.72 3.54
N TRP A 87 18.78 -6.46 3.97
CA TRP A 87 19.67 -6.05 5.06
C TRP A 87 19.19 -4.79 5.77
N SER A 88 19.64 -4.58 7.00
CA SER A 88 19.31 -3.37 7.74
C SER A 88 20.55 -2.83 8.45
N ARG A 89 20.94 -1.60 8.11
CA ARG A 89 22.06 -0.93 8.76
C ARG A 89 23.40 -1.68 8.69
N ILE A 90 23.56 -2.61 7.76
CA ILE A 90 24.81 -3.38 7.67
C ILE A 90 25.23 -3.57 6.22
N LYS A 91 25.27 -2.46 5.46
CA LYS A 91 25.41 -2.55 4.01
C LYS A 91 26.75 -3.09 3.50
N ASP A 92 27.86 -2.66 4.09
CA ASP A 92 29.20 -3.10 3.64
C ASP A 92 29.34 -4.62 3.56
N LEU A 93 29.05 -5.30 4.66
CA LEU A 93 29.15 -6.76 4.67
C LEU A 93 28.21 -7.37 3.62
N ALA A 94 26.99 -6.85 3.51
CA ALA A 94 26.03 -7.46 2.58
C ALA A 94 26.52 -7.37 1.15
N HIS A 95 27.13 -6.24 0.78
CA HIS A 95 27.70 -6.07 -0.55
C HIS A 95 28.99 -6.87 -0.81
N GLN A 96 29.87 -6.96 0.17
CA GLN A 96 31.08 -7.75 -0.02
C GLN A 96 30.69 -9.22 -0.23
N PHE A 97 29.69 -9.66 0.53
CA PHE A 97 29.18 -11.02 0.40
C PHE A 97 28.63 -11.36 -0.98
N THR A 98 27.74 -10.54 -1.52
CA THR A 98 27.17 -10.86 -2.82
C THR A 98 28.19 -10.73 -3.96
N GLN A 99 29.25 -9.96 -3.71
CA GLN A 99 30.27 -9.74 -4.72
C GLN A 99 31.15 -10.97 -5.01
N VAL A 100 31.24 -11.88 -4.05
CA VAL A 100 32.16 -13.02 -4.17
C VAL A 100 31.87 -13.97 -5.34
N GLN A 101 30.64 -14.48 -5.40
CA GLN A 101 30.25 -15.40 -6.47
C GLN A 101 28.76 -15.31 -6.81
N ARG A 102 28.17 -14.14 -6.53
CA ARG A 102 26.74 -13.91 -6.70
C ARG A 102 25.92 -15.04 -6.10
N ASP A 103 26.12 -15.30 -4.81
CA ASP A 103 25.32 -16.29 -4.09
C ASP A 103 23.90 -15.74 -3.89
N MET A 104 23.81 -14.41 -3.83
CA MET A 104 22.53 -13.75 -3.63
C MET A 104 22.51 -12.34 -4.27
N PHE A 105 21.32 -11.72 -4.28
CA PHE A 105 21.08 -10.39 -4.85
C PHE A 105 20.57 -9.43 -3.78
N THR A 106 21.22 -8.28 -3.59
CA THR A 106 20.64 -7.19 -2.79
C THR A 106 19.94 -6.19 -3.71
N LEU A 107 19.20 -5.27 -3.14
CA LEU A 107 18.51 -4.26 -3.95
C LEU A 107 19.48 -3.44 -4.82
N GLU A 108 20.69 -3.19 -4.30
CA GLU A 108 21.65 -2.38 -5.04
C GLU A 108 22.28 -3.14 -6.23
N ASP A 109 21.94 -4.43 -6.35
CA ASP A 109 22.38 -5.21 -7.49
C ASP A 109 21.37 -5.09 -8.64
N THR A 110 20.26 -4.40 -8.38
CA THR A 110 19.29 -4.09 -9.44
C THR A 110 19.66 -2.76 -10.11
N LEU A 111 19.10 -2.50 -11.28
CA LEU A 111 19.40 -1.28 -12.01
C LEU A 111 19.04 -0.05 -11.17
N LEU A 112 17.81 -0.03 -10.69
CA LEU A 112 17.30 1.12 -9.95
C LEU A 112 18.07 1.35 -8.65
N GLY A 113 18.28 0.30 -7.87
CA GLY A 113 19.06 0.43 -6.65
C GLY A 113 20.47 0.91 -6.93
N TYR A 114 21.05 0.43 -8.04
CA TYR A 114 22.41 0.80 -8.43
C TYR A 114 22.52 2.28 -8.82
N LEU A 115 21.53 2.79 -9.54
CA LEU A 115 21.52 4.19 -9.94
C LEU A 115 21.57 5.16 -8.75
N ALA A 116 20.75 4.88 -7.73
CA ALA A 116 20.55 5.81 -6.61
C ALA A 116 21.48 5.60 -5.41
N ASP A 117 22.13 4.44 -5.33
CA ASP A 117 22.92 4.11 -4.14
C ASP A 117 23.89 5.25 -3.76
N ASP A 118 23.82 5.69 -2.51
CA ASP A 118 24.72 6.71 -1.95
C ASP A 118 24.52 8.14 -2.46
N LEU A 119 23.46 8.40 -3.22
CA LEU A 119 23.24 9.75 -3.73
C LEU A 119 22.10 10.46 -2.99
N THR A 120 22.08 11.79 -3.09
CA THR A 120 21.02 12.64 -2.54
C THR A 120 20.52 13.55 -3.67
N TRP A 121 19.23 13.85 -3.69
CA TRP A 121 18.70 14.74 -4.73
C TRP A 121 17.39 15.43 -4.33
N CYS A 122 17.19 16.64 -4.85
CA CYS A 122 15.89 17.30 -4.74
C CYS A 122 15.75 18.50 -5.68
N GLY A 123 14.51 18.91 -5.93
CA GLY A 123 14.24 20.04 -6.82
C GLY A 123 13.57 21.20 -6.09
N GLU A 124 12.87 22.06 -6.82
CA GLU A 124 12.14 23.19 -6.23
C GLU A 124 10.76 23.36 -6.87
N PHE A 125 9.79 23.88 -6.12
CA PHE A 125 8.48 24.13 -6.71
C PHE A 125 8.61 25.28 -7.72
N ASP A 126 7.91 25.17 -8.84
CA ASP A 126 7.82 26.27 -9.80
C ASP A 126 9.18 26.75 -10.32
N THR A 127 10.14 25.84 -10.36
CA THR A 127 11.40 26.10 -11.04
C THR A 127 11.94 24.76 -11.45
N SER A 128 12.69 24.72 -12.56
CA SER A 128 13.23 23.45 -13.03
C SER A 128 14.68 23.27 -12.60
N LYS A 129 15.08 23.92 -11.52
CA LYS A 129 16.46 23.80 -11.06
C LYS A 129 16.61 22.70 -10.01
N ILE A 130 17.76 22.04 -10.05
CA ILE A 130 18.17 21.09 -9.01
C ILE A 130 18.76 21.89 -7.85
N ASN A 131 18.41 21.51 -6.62
CA ASN A 131 18.92 22.21 -5.44
C ASN A 131 20.21 21.59 -4.92
N TYR A 132 21.35 22.20 -5.27
CA TYR A 132 22.65 21.72 -4.82
C TYR A 132 23.01 22.26 -3.44
N GLN A 133 22.11 23.07 -2.86
CA GLN A 133 22.36 23.70 -1.57
C GLN A 133 21.90 22.85 -0.38
N SER A 134 20.63 22.46 -0.38
CA SER A 134 20.12 21.62 0.69
C SER A 134 18.89 20.83 0.26
N CYS A 135 18.59 19.75 0.98
CA CYS A 135 17.41 18.93 0.71
C CYS A 135 16.72 18.55 2.03
N PRO A 136 15.40 18.32 1.98
CA PRO A 136 14.63 17.97 3.18
C PRO A 136 15.22 16.81 3.99
N ASP A 137 15.33 17.01 5.30
CA ASP A 137 15.71 15.95 6.22
C ASP A 137 14.47 15.15 6.58
N TRP A 138 14.56 13.83 6.49
CA TRP A 138 13.43 12.96 6.77
C TRP A 138 12.79 13.23 8.13
N ARG A 139 13.61 13.49 9.13
CA ARG A 139 13.12 13.64 10.50
C ARG A 139 12.70 15.07 10.83
N LYS A 140 13.60 16.03 10.59
CA LYS A 140 13.34 17.42 10.94
C LYS A 140 12.39 18.14 9.99
N ASP A 141 12.42 17.75 8.71
CA ASP A 141 11.67 18.47 7.68
C ASP A 141 10.41 17.76 7.20
N CYS A 142 10.57 16.67 6.45
CA CYS A 142 9.42 15.91 5.95
C CYS A 142 9.85 14.54 5.47
N SER A 143 8.97 13.57 5.61
CA SER A 143 9.27 12.20 5.20
C SER A 143 8.93 11.97 3.73
N ASN A 144 8.10 12.84 3.15
CA ASN A 144 7.73 12.72 1.74
C ASN A 144 8.70 13.44 0.80
N ASN A 145 10.00 13.27 1.03
CA ASN A 145 11.00 13.91 0.18
C ASN A 145 11.41 12.96 -0.96
N PRO A 146 12.12 13.48 -1.99
CA PRO A 146 12.36 12.64 -3.17
C PRO A 146 13.19 11.38 -2.89
N VAL A 147 14.15 11.45 -1.98
CA VAL A 147 15.00 10.31 -1.66
C VAL A 147 14.27 9.24 -0.84
N SER A 148 13.61 9.66 0.25
CA SER A 148 12.90 8.70 1.10
C SER A 148 11.77 8.00 0.35
N VAL A 149 11.07 8.74 -0.50
CA VAL A 149 9.97 8.19 -1.28
C VAL A 149 10.48 7.22 -2.36
N PHE A 150 11.62 7.52 -2.96
CA PHE A 150 12.21 6.61 -3.94
C PHE A 150 12.49 5.25 -3.32
N TRP A 151 13.12 5.25 -2.15
CA TRP A 151 13.55 3.99 -1.54
C TRP A 151 12.36 3.17 -1.04
N LYS A 152 11.33 3.84 -0.54
CA LYS A 152 10.14 3.13 -0.08
C LYS A 152 9.46 2.39 -1.25
N THR A 153 9.35 3.08 -2.38
CA THR A 153 8.73 2.52 -3.57
C THR A 153 9.49 1.32 -4.13
N VAL A 154 10.81 1.45 -4.28
CA VAL A 154 11.60 0.34 -4.81
C VAL A 154 11.78 -0.83 -3.82
N SER A 155 11.88 -0.53 -2.53
CA SER A 155 11.99 -1.60 -1.53
C SER A 155 10.70 -2.43 -1.48
N ARG A 156 9.57 -1.77 -1.65
CA ARG A 156 8.28 -2.45 -1.66
C ARG A 156 8.20 -3.48 -2.79
N ARG A 157 8.46 -3.05 -4.01
CA ARG A 157 8.40 -3.96 -5.17
C ARG A 157 9.42 -5.11 -5.10
N PHE A 158 10.59 -4.82 -4.55
CA PHE A 158 11.65 -5.80 -4.43
C PHE A 158 11.21 -6.89 -3.44
N ALA A 159 10.62 -6.50 -2.32
CA ALA A 159 10.11 -7.47 -1.35
C ALA A 159 8.96 -8.29 -1.92
N GLU A 160 8.09 -7.67 -2.71
CA GLU A 160 6.98 -8.37 -3.38
C GLU A 160 7.46 -9.43 -4.39
N ALA A 161 8.68 -9.29 -4.88
CA ALA A 161 9.18 -10.24 -5.88
C ALA A 161 9.81 -11.49 -5.24
N ALA A 162 10.01 -11.50 -3.92
CA ALA A 162 10.69 -12.63 -3.26
C ALA A 162 9.85 -13.90 -3.15
N CYS A 163 10.54 -15.04 -3.06
CA CYS A 163 9.87 -16.31 -2.86
C CYS A 163 10.76 -17.29 -2.11
N ASP A 164 10.18 -18.41 -1.70
CA ASP A 164 10.91 -19.50 -1.06
C ASP A 164 11.60 -19.08 0.25
N VAL A 165 12.92 -19.14 0.29
CA VAL A 165 13.67 -18.68 1.46
C VAL A 165 14.30 -17.31 1.21
N VAL A 166 13.97 -16.35 2.06
CA VAL A 166 14.50 -14.99 1.96
C VAL A 166 15.42 -14.77 3.15
N HIS A 167 16.56 -14.14 2.91
CA HIS A 167 17.54 -13.94 3.97
C HIS A 167 17.61 -12.46 4.31
N VAL A 168 17.95 -12.14 5.56
CA VAL A 168 18.24 -10.78 5.97
C VAL A 168 19.45 -10.70 6.90
N MET A 169 20.39 -9.80 6.60
CA MET A 169 21.52 -9.49 7.49
C MET A 169 21.15 -8.34 8.44
N LEU A 170 21.38 -8.55 9.74
CA LEU A 170 21.09 -7.55 10.76
C LEU A 170 22.33 -7.27 11.58
N ASP A 171 22.45 -6.03 12.04
CA ASP A 171 23.62 -5.58 12.80
C ASP A 171 23.43 -5.84 14.28
N GLY A 172 24.13 -6.83 14.81
CA GLY A 172 24.02 -7.19 16.21
C GLY A 172 24.68 -6.24 17.18
N SER A 173 25.37 -5.22 16.68
CA SER A 173 26.02 -4.24 17.55
C SER A 173 25.13 -3.03 17.88
N ARG A 174 24.02 -2.87 17.15
CA ARG A 174 23.12 -1.74 17.36
C ARG A 174 22.19 -1.92 18.57
N SER A 175 21.62 -0.81 19.02
CA SER A 175 20.73 -0.80 20.17
C SER A 175 19.51 -1.65 19.90
N LYS A 176 18.99 -1.54 18.69
CA LYS A 176 17.87 -2.38 18.26
C LYS A 176 18.28 -3.22 17.05
N ILE A 177 18.59 -4.49 17.29
CA ILE A 177 19.04 -5.35 16.22
C ILE A 177 18.01 -5.41 15.11
N PHE A 178 16.75 -5.70 15.48
CA PHE A 178 15.61 -5.46 14.60
C PHE A 178 14.97 -4.13 14.98
N ASP A 179 14.79 -3.25 14.00
CA ASP A 179 14.19 -1.94 14.23
C ASP A 179 12.92 -1.76 13.41
N LYS A 180 11.77 -1.72 14.09
CA LYS A 180 10.49 -1.65 13.43
C LYS A 180 10.34 -0.38 12.61
N ASP A 181 11.13 0.64 12.96
CA ASP A 181 11.08 1.91 12.24
C ASP A 181 12.02 2.01 11.03
N SER A 182 12.87 1.01 10.80
CA SER A 182 13.71 1.01 9.60
C SER A 182 12.86 0.68 8.38
N THR A 183 13.44 0.88 7.19
CA THR A 183 12.80 0.45 5.95
C THR A 183 12.54 -1.08 5.90
N PHE A 184 13.48 -1.88 6.38
CA PHE A 184 13.25 -3.32 6.46
C PHE A 184 12.03 -3.64 7.35
N GLY A 185 11.97 -3.03 8.53
CA GLY A 185 10.94 -3.34 9.51
C GLY A 185 9.57 -2.76 9.19
N SER A 186 9.53 -1.61 8.53
CA SER A 186 8.26 -0.94 8.26
C SER A 186 7.73 -1.16 6.84
N VAL A 187 8.61 -1.54 5.92
CA VAL A 187 8.21 -1.73 4.52
C VAL A 187 8.38 -3.19 4.04
N GLU A 188 9.59 -3.71 4.11
CA GLU A 188 9.86 -5.02 3.52
C GLU A 188 9.17 -6.19 4.22
N VAL A 189 9.17 -6.23 5.56
CA VAL A 189 8.56 -7.38 6.23
C VAL A 189 7.07 -7.50 5.95
N HIS A 190 6.42 -6.36 5.70
CA HIS A 190 4.98 -6.34 5.52
C HIS A 190 4.58 -6.52 4.06
N ASN A 191 5.58 -6.54 3.17
CA ASN A 191 5.34 -6.74 1.75
C ASN A 191 5.85 -8.07 1.16
N LEU A 192 6.46 -8.93 1.98
CA LEU A 192 6.72 -10.31 1.58
C LEU A 192 5.38 -10.99 1.36
N GLN A 193 5.25 -11.86 0.35
CA GLN A 193 3.97 -12.50 0.05
C GLN A 193 3.88 -13.91 0.63
N PRO A 194 3.00 -14.11 1.64
CA PRO A 194 2.88 -15.38 2.37
C PRO A 194 2.56 -16.58 1.50
N GLU A 195 1.88 -16.34 0.37
CA GLU A 195 1.58 -17.39 -0.59
C GLU A 195 2.84 -17.99 -1.23
N LYS A 196 3.90 -17.17 -1.33
CA LYS A 196 5.15 -17.53 -2.04
C LYS A 196 6.36 -17.74 -1.14
N VAL A 197 6.41 -17.02 -0.02
CA VAL A 197 7.57 -17.05 0.87
C VAL A 197 7.41 -18.09 1.96
N GLN A 198 8.32 -19.05 1.98
CA GLN A 198 8.23 -20.13 2.94
C GLN A 198 8.89 -19.77 4.26
N THR A 199 10.05 -19.10 4.20
CA THR A 199 10.86 -18.84 5.38
C THR A 199 11.61 -17.49 5.31
N LEU A 200 11.61 -16.72 6.41
CA LEU A 200 12.56 -15.59 6.55
C LEU A 200 13.67 -16.03 7.50
N GLU A 201 14.91 -16.02 7.01
CA GLU A 201 16.06 -16.38 7.84
C GLU A 201 16.99 -15.19 8.10
N ALA A 202 17.16 -14.83 9.37
CA ALA A 202 18.01 -13.69 9.74
C ALA A 202 19.43 -14.13 10.11
N TRP A 203 20.42 -13.37 9.65
CA TRP A 203 21.80 -13.56 10.04
C TRP A 203 22.20 -12.40 10.95
N VAL A 204 22.38 -12.67 12.24
CA VAL A 204 22.73 -11.61 13.17
C VAL A 204 24.25 -11.45 13.25
N ILE A 205 24.76 -10.34 12.72
CA ILE A 205 26.21 -10.14 12.63
C ILE A 205 26.77 -9.51 13.91
N HIS A 206 27.71 -10.21 14.55
CA HIS A 206 28.30 -9.73 15.80
C HIS A 206 29.36 -8.65 15.59
N SER A 212 30.74 -14.59 22.62
CA SER A 212 29.72 -13.59 22.88
C SER A 212 28.34 -14.26 23.04
N ARG A 213 27.31 -13.44 23.24
CA ARG A 213 25.98 -13.94 23.57
C ARG A 213 25.25 -14.62 22.40
N ASP A 214 24.12 -15.24 22.70
CA ASP A 214 23.22 -15.72 21.66
C ASP A 214 22.21 -14.63 21.33
N LEU A 215 22.54 -13.81 20.33
CA LEU A 215 21.71 -12.68 19.97
C LEU A 215 20.38 -13.07 19.29
N CYS A 216 20.23 -14.34 18.93
CA CYS A 216 18.96 -14.85 18.44
C CYS A 216 17.91 -14.93 19.56
N GLN A 217 18.33 -14.62 20.78
CA GLN A 217 17.42 -14.58 21.92
C GLN A 217 17.11 -13.14 22.32
N ASP A 218 17.63 -12.19 21.57
CA ASP A 218 17.44 -10.78 21.88
C ASP A 218 15.97 -10.39 21.70
N PRO A 219 15.44 -9.54 22.60
CA PRO A 219 14.02 -9.16 22.60
C PRO A 219 13.50 -8.61 21.28
N THR A 220 14.31 -7.85 20.53
CA THR A 220 13.83 -7.33 19.25
C THR A 220 13.78 -8.45 18.18
N ILE A 221 14.62 -9.47 18.33
CA ILE A 221 14.55 -10.66 17.46
C ILE A 221 13.31 -11.53 17.75
N LYS A 222 12.86 -11.55 19.00
CA LYS A 222 11.66 -12.31 19.35
C LYS A 222 10.43 -11.58 18.79
N GLU A 223 10.52 -10.27 18.76
CA GLU A 223 9.49 -9.43 18.17
C GLU A 223 9.37 -9.71 16.67
N LEU A 224 10.51 -9.76 15.98
CA LEU A 224 10.51 -10.05 14.55
C LEU A 224 9.89 -11.43 14.26
N GLU A 225 10.30 -12.42 15.04
CA GLU A 225 9.82 -13.80 14.92
C GLU A 225 8.29 -13.86 15.07
N SER A 226 7.80 -13.14 16.07
CA SER A 226 6.35 -13.10 16.30
C SER A 226 5.62 -12.42 15.15
N ILE A 227 6.17 -11.33 14.64
CA ILE A 227 5.54 -10.62 13.52
C ILE A 227 5.45 -11.51 12.28
N ILE A 228 6.55 -12.17 11.95
CA ILE A 228 6.53 -12.94 10.71
C ILE A 228 5.76 -14.26 10.84
N SER A 229 5.83 -14.89 12.01
CA SER A 229 5.02 -16.09 12.30
C SER A 229 3.51 -15.83 12.17
N LYS A 230 3.07 -14.67 12.65
CA LYS A 230 1.66 -14.30 12.54
C LYS A 230 1.26 -13.98 11.11
N ARG A 231 2.24 -13.78 10.22
CA ARG A 231 1.92 -13.65 8.79
C ARG A 231 1.81 -15.03 8.10
N ASN A 232 2.00 -16.10 8.87
CA ASN A 232 2.07 -17.46 8.30
C ASN A 232 3.36 -17.71 7.49
N ILE A 233 4.47 -17.15 7.96
CA ILE A 233 5.78 -17.39 7.36
C ILE A 233 6.71 -17.95 8.44
N GLN A 234 7.50 -18.97 8.12
CA GLN A 234 8.40 -19.55 9.13
C GLN A 234 9.58 -18.61 9.43
N PHE A 235 10.07 -18.63 10.67
CA PHE A 235 11.22 -17.82 11.04
C PHE A 235 12.41 -18.66 11.48
N SER A 236 13.59 -18.24 11.05
CA SER A 236 14.84 -18.91 11.38
C SER A 236 15.92 -17.86 11.65
N CYS A 237 16.86 -18.15 12.55
CA CYS A 237 17.88 -17.17 12.93
C CYS A 237 19.23 -17.85 13.22
N LYS A 238 20.32 -17.22 12.77
CA LYS A 238 21.68 -17.69 13.01
C LYS A 238 22.61 -16.55 13.42
N ASN A 239 23.49 -16.84 14.39
CA ASN A 239 24.54 -15.92 14.79
C ASN A 239 25.70 -16.01 13.83
N ILE A 240 26.25 -14.87 13.43
CA ILE A 240 27.56 -14.84 12.77
C ILE A 240 28.56 -14.11 13.68
N TYR A 241 29.23 -14.89 14.51
CA TYR A 241 30.16 -14.40 15.53
C TYR A 241 31.40 -13.67 14.97
N ARG A 242 31.96 -14.19 13.87
CA ARG A 242 33.16 -13.60 13.29
C ARG A 242 32.99 -13.31 11.80
N PRO A 243 32.47 -12.11 11.49
CA PRO A 243 32.19 -11.80 10.08
C PRO A 243 33.45 -11.86 9.20
N ASP A 244 34.62 -11.60 9.77
CA ASP A 244 35.88 -11.73 9.03
C ASP A 244 36.13 -13.17 8.59
N LYS A 245 35.91 -14.12 9.50
CA LYS A 245 36.12 -15.53 9.18
C LYS A 245 35.05 -16.03 8.19
N PHE A 246 33.82 -15.58 8.38
CA PHE A 246 32.71 -15.94 7.51
C PHE A 246 32.94 -15.56 6.04
N LEU A 247 33.40 -14.33 5.81
CA LEU A 247 33.64 -13.89 4.44
C LEU A 247 34.76 -14.72 3.81
N GLN A 248 35.74 -15.07 4.63
CA GLN A 248 36.84 -15.90 4.16
C GLN A 248 36.37 -17.29 3.78
N CYS A 249 35.41 -17.82 4.53
CA CYS A 249 34.86 -19.14 4.22
C CYS A 249 34.03 -19.11 2.93
N VAL A 250 33.38 -17.99 2.65
CA VAL A 250 32.62 -17.85 1.41
C VAL A 250 33.55 -17.85 0.20
N LYS A 251 34.68 -17.15 0.30
CA LYS A 251 35.64 -17.10 -0.79
C LYS A 251 36.38 -18.44 -0.95
N ASN A 252 36.60 -19.13 0.16
CA ASN A 252 37.31 -20.41 0.16
C ASN A 252 36.69 -21.39 1.15
N PRO A 253 35.62 -22.06 0.75
CA PRO A 253 34.97 -23.01 1.66
C PRO A 253 35.93 -24.15 1.95
N GLU A 254 37.01 -24.20 1.17
CA GLU A 254 38.11 -25.12 1.37
C GLU A 254 39.06 -24.56 2.41
N ASP A 255 38.63 -24.53 3.66
CA ASP A 255 39.46 -24.00 4.74
C ASP A 255 39.24 -24.76 6.04
N SER A 256 40.35 -25.16 6.66
CA SER A 256 40.34 -25.84 7.95
C SER A 256 39.32 -25.23 8.91
N SER A 257 39.39 -23.93 9.09
CA SER A 257 38.51 -23.22 10.01
C SER A 257 37.03 -23.36 9.68
N CYS A 258 36.71 -23.32 8.40
CA CYS A 258 35.31 -23.34 7.95
C CYS A 258 34.59 -24.61 8.39
N ARG B 7 3.95 8.01 26.72
CA ARG B 7 5.07 8.53 25.95
C ARG B 7 4.61 9.69 25.06
N TRP B 8 5.58 10.34 24.45
CA TRP B 8 5.36 11.51 23.61
C TRP B 8 5.23 11.12 22.14
N ARG B 9 5.29 9.82 21.85
CA ARG B 9 5.29 9.37 20.47
C ARG B 9 4.07 8.54 20.10
N GLN B 10 3.52 8.77 18.93
CA GLN B 10 2.44 7.92 18.43
C GLN B 10 3.03 6.97 17.40
N THR B 11 2.37 5.82 17.24
CA THR B 11 2.86 4.75 16.38
C THR B 11 2.58 5.01 14.90
N TRP B 12 1.47 5.66 14.59
CA TRP B 12 1.02 5.77 13.21
C TRP B 12 0.72 7.22 12.82
N SER B 13 0.48 7.45 11.53
CA SER B 13 0.20 8.79 11.01
C SER B 13 -1.28 9.12 10.90
N GLY B 14 -2.15 8.11 10.91
CA GLY B 14 -3.57 8.37 10.75
C GLY B 14 -4.28 8.53 12.08
N PRO B 15 -5.53 9.02 12.05
CA PRO B 15 -6.39 9.10 13.25
C PRO B 15 -6.57 7.74 13.91
N GLY B 16 -6.77 7.73 15.23
CA GLY B 16 -6.94 6.50 15.96
C GLY B 16 -8.37 5.96 15.88
N THR B 17 -8.61 4.85 16.58
CA THR B 17 -9.95 4.26 16.66
C THR B 17 -10.97 5.28 17.18
N THR B 18 -12.12 5.37 16.50
CA THR B 18 -13.22 6.25 16.94
C THR B 18 -13.60 5.99 18.40
N LYS B 19 -13.74 7.08 19.16
CA LYS B 19 -14.19 7.05 20.54
C LYS B 19 -15.42 6.15 20.71
N ARG B 20 -15.37 5.25 21.69
CA ARG B 20 -16.46 4.32 21.98
C ARG B 20 -16.86 3.39 20.81
N PHE B 21 -15.88 3.07 19.96
CA PHE B 21 -16.07 2.13 18.83
C PHE B 21 -16.95 0.89 19.18
N PRO B 22 -16.56 0.11 20.20
CA PRO B 22 -17.30 -1.12 20.50
C PRO B 22 -18.80 -0.89 20.81
N GLU B 23 -19.10 0.06 21.68
CA GLU B 23 -20.48 0.39 22.03
C GLU B 23 -21.25 0.88 20.80
N THR B 24 -20.59 1.68 19.99
CA THR B 24 -21.16 2.21 18.75
C THR B 24 -21.51 1.14 17.71
N VAL B 25 -20.59 0.20 17.45
CA VAL B 25 -20.87 -0.86 16.48
C VAL B 25 -22.05 -1.72 16.97
N LEU B 26 -22.11 -1.99 18.26
CA LEU B 26 -23.22 -2.78 18.82
C LEU B 26 -24.57 -2.05 18.72
N ALA B 27 -24.60 -0.76 19.09
CA ALA B 27 -25.80 0.06 18.95
C ALA B 27 -26.30 0.14 17.51
N ARG B 28 -25.37 0.23 16.56
CA ARG B 28 -25.76 0.30 15.15
C ARG B 28 -26.38 -1.02 14.67
N CYS B 29 -25.86 -2.13 15.17
CA CYS B 29 -26.37 -3.44 14.83
C CYS B 29 -27.80 -3.63 15.41
N VAL B 30 -27.99 -3.25 16.67
CA VAL B 30 -29.33 -3.31 17.27
C VAL B 30 -30.33 -2.47 16.47
N LYS B 31 -29.93 -1.26 16.11
CA LYS B 31 -30.80 -0.35 15.37
C LYS B 31 -31.12 -0.86 13.96
N TYR B 32 -30.09 -1.29 13.23
CA TYR B 32 -30.32 -1.81 11.87
C TYR B 32 -31.35 -2.94 11.85
N THR B 33 -31.23 -3.88 12.78
CA THR B 33 -32.14 -5.03 12.80
C THR B 33 -33.55 -4.65 13.23
N GLU B 34 -33.68 -3.56 13.97
CA GLU B 34 -35.00 -3.06 14.36
C GLU B 34 -35.72 -2.44 13.17
N ILE B 35 -34.97 -1.73 12.35
CA ILE B 35 -35.51 -1.10 11.15
C ILE B 35 -35.67 -2.11 10.01
N HIS B 36 -34.80 -3.11 9.96
CA HIS B 36 -34.89 -4.12 8.91
C HIS B 36 -35.25 -5.48 9.48
N PRO B 37 -36.55 -5.78 9.54
CA PRO B 37 -37.08 -7.01 10.12
C PRO B 37 -36.50 -8.30 9.52
N GLU B 38 -36.18 -8.28 8.23
CA GLU B 38 -35.65 -9.47 7.57
C GLU B 38 -34.24 -9.84 8.03
N MET B 39 -33.62 -9.00 8.83
CA MET B 39 -32.26 -9.26 9.34
C MET B 39 -32.23 -9.61 10.83
N ARG B 40 -33.40 -9.84 11.44
CA ARG B 40 -33.47 -10.06 12.88
C ARG B 40 -32.98 -11.43 13.36
N HIS B 41 -32.62 -12.28 12.42
CA HIS B 41 -32.01 -13.56 12.73
C HIS B 41 -30.55 -13.38 13.16
N VAL B 42 -30.08 -12.13 13.15
CA VAL B 42 -28.69 -11.82 13.48
C VAL B 42 -28.47 -11.64 14.98
N ASP B 43 -27.41 -12.26 15.51
CA ASP B 43 -27.03 -12.02 16.89
C ASP B 43 -25.97 -10.92 16.96
N CYS B 44 -26.33 -9.78 17.55
CA CYS B 44 -25.46 -8.61 17.47
C CYS B 44 -24.14 -8.75 18.25
N GLN B 45 -24.19 -9.46 19.38
CA GLN B 45 -22.98 -9.78 20.14
C GLN B 45 -22.03 -10.67 19.33
N SER B 46 -22.60 -11.66 18.64
CA SER B 46 -21.82 -12.51 17.75
C SER B 46 -21.18 -11.72 16.62
N VAL B 47 -21.93 -10.77 16.06
CA VAL B 47 -21.41 -9.92 14.99
C VAL B 47 -20.23 -9.11 15.51
N TRP B 48 -20.38 -8.50 16.68
CA TRP B 48 -19.25 -7.75 17.26
C TRP B 48 -18.05 -8.67 17.53
N ASP B 49 -18.30 -9.86 18.04
CA ASP B 49 -17.22 -10.83 18.28
C ASP B 49 -16.45 -11.18 17.00
N ALA B 50 -17.17 -11.38 15.91
CA ALA B 50 -16.51 -11.66 14.62
C ALA B 50 -15.72 -10.45 14.07
N PHE B 51 -16.21 -9.23 14.29
CA PHE B 51 -15.58 -8.00 13.80
C PHE B 51 -14.26 -7.81 14.54
N LYS B 52 -14.36 -7.78 15.85
CA LYS B 52 -13.24 -7.68 16.75
C LYS B 52 -12.19 -8.75 16.45
N GLY B 53 -12.64 -9.99 16.26
CA GLY B 53 -11.74 -11.10 15.97
C GLY B 53 -10.89 -10.92 14.72
N ALA B 54 -11.37 -10.12 13.78
CA ALA B 54 -10.65 -9.90 12.52
C ALA B 54 -9.36 -9.08 12.67
N PHE B 55 -9.26 -8.23 13.70
CA PHE B 55 -8.12 -7.31 13.77
C PHE B 55 -7.43 -7.19 15.14
N ILE B 56 -8.07 -7.69 16.20
CA ILE B 56 -7.47 -7.61 17.53
C ILE B 56 -6.25 -8.52 17.63
N SER B 57 -5.19 -8.04 18.29
CA SER B 57 -3.92 -8.77 18.41
C SER B 57 -3.17 -8.97 17.08
N LYS B 58 -3.69 -8.41 15.99
CA LYS B 58 -2.98 -8.48 14.72
C LYS B 58 -2.20 -7.21 14.42
N HIS B 59 -1.06 -7.36 13.76
CA HIS B 59 -0.28 -6.18 13.33
C HIS B 59 -1.12 -5.43 12.31
N PRO B 60 -1.30 -4.11 12.51
CA PRO B 60 -2.27 -3.46 11.63
C PRO B 60 -1.80 -3.16 10.21
N CYS B 61 -0.63 -3.65 9.81
CA CYS B 61 -0.24 -3.63 8.39
C CYS B 61 -0.31 -5.02 7.73
N ASP B 62 -0.79 -6.02 8.46
CA ASP B 62 -0.78 -7.39 7.97
C ASP B 62 -2.18 -8.04 7.88
N ILE B 63 -3.23 -7.22 7.84
CA ILE B 63 -4.60 -7.70 7.77
C ILE B 63 -4.87 -8.30 6.39
N THR B 64 -5.62 -9.40 6.34
CA THR B 64 -5.99 -10.04 5.07
C THR B 64 -7.51 -10.13 4.93
N GLU B 65 -7.97 -10.31 3.70
CA GLU B 65 -9.40 -10.54 3.47
C GLU B 65 -9.91 -11.76 4.22
N GLU B 66 -9.10 -12.81 4.30
CA GLU B 66 -9.49 -14.03 5.03
C GLU B 66 -9.73 -13.76 6.53
N ASP B 67 -9.11 -12.72 7.06
CA ASP B 67 -9.35 -12.28 8.46
C ASP B 67 -10.81 -11.86 8.72
N TYR B 68 -11.45 -11.32 7.68
CA TYR B 68 -12.81 -10.80 7.78
C TYR B 68 -13.91 -11.83 7.37
N GLN B 69 -13.51 -13.02 6.97
CA GLN B 69 -14.48 -14.02 6.50
C GLN B 69 -15.59 -14.42 7.49
N PRO B 70 -15.24 -14.63 8.77
CA PRO B 70 -16.32 -14.94 9.73
C PRO B 70 -17.35 -13.80 9.84
N LEU B 71 -16.89 -12.55 9.79
CA LEU B 71 -17.81 -11.40 9.74
C LEU B 71 -18.66 -11.39 8.47
N MET B 72 -18.06 -11.61 7.30
CA MET B 72 -18.83 -11.69 6.05
C MET B 72 -19.92 -12.79 6.13
N LYS B 73 -19.60 -13.91 6.77
CA LYS B 73 -20.55 -15.01 6.88
C LYS B 73 -21.77 -14.57 7.70
N LEU B 74 -21.52 -14.06 8.90
CA LEU B 74 -22.60 -13.61 9.78
C LEU B 74 -23.38 -12.46 9.18
N GLY B 75 -22.73 -11.63 8.35
CA GLY B 75 -23.39 -10.48 7.78
C GLY B 75 -24.00 -10.74 6.42
N THR B 76 -24.11 -12.01 6.04
CA THR B 76 -24.71 -12.39 4.77
C THR B 76 -26.10 -11.79 4.61
N GLN B 77 -26.35 -11.18 3.47
CA GLN B 77 -27.59 -10.45 3.23
C GLN B 77 -27.79 -10.34 1.73
N THR B 78 -29.00 -10.66 1.27
CA THR B 78 -29.31 -10.52 -0.13
C THR B 78 -30.24 -9.34 -0.37
N VAL B 79 -29.83 -8.46 -1.29
CA VAL B 79 -30.63 -7.30 -1.66
C VAL B 79 -31.05 -7.46 -3.11
N PRO B 80 -32.16 -6.82 -3.51
CA PRO B 80 -32.60 -6.90 -4.90
C PRO B 80 -31.47 -6.50 -5.84
N CYS B 81 -30.94 -7.45 -6.60
CA CYS B 81 -29.68 -7.24 -7.30
C CYS B 81 -29.73 -6.21 -8.44
N ASN B 82 -30.95 -5.85 -8.84
CA ASN B 82 -31.18 -4.88 -9.93
C ASN B 82 -31.47 -3.45 -9.42
N LYS B 83 -31.23 -3.22 -8.14
CA LYS B 83 -31.49 -1.91 -7.55
C LYS B 83 -30.25 -1.36 -6.83
N ILE B 84 -29.07 -1.69 -7.36
CA ILE B 84 -27.84 -1.33 -6.68
C ILE B 84 -27.23 0.00 -7.15
N LEU B 85 -26.91 0.87 -6.20
CA LEU B 85 -26.26 2.13 -6.49
C LEU B 85 -24.82 2.18 -5.95
N LEU B 86 -23.88 2.25 -6.88
CA LEU B 86 -22.50 2.49 -6.54
C LEU B 86 -22.23 3.97 -6.64
N TRP B 87 -21.21 4.44 -5.96
CA TRP B 87 -20.79 5.84 -6.08
C TRP B 87 -19.29 5.92 -5.84
N SER B 88 -18.70 7.04 -6.21
CA SER B 88 -17.28 7.23 -5.99
C SER B 88 -17.03 8.69 -5.60
N ARG B 89 -16.66 8.90 -4.35
CA ARG B 89 -16.31 10.23 -3.82
C ARG B 89 -17.42 11.28 -3.89
N ILE B 90 -18.66 10.87 -3.72
CA ILE B 90 -19.79 11.80 -3.65
C ILE B 90 -20.89 11.22 -2.74
N LYS B 91 -20.50 10.96 -1.50
CA LYS B 91 -21.28 10.21 -0.53
C LYS B 91 -22.64 10.81 -0.22
N ASP B 92 -22.64 12.10 0.14
CA ASP B 92 -23.85 12.75 0.64
C ASP B 92 -25.03 12.67 -0.31
N LEU B 93 -24.80 13.02 -1.57
CA LEU B 93 -25.89 13.01 -2.53
C LEU B 93 -26.41 11.59 -2.76
N ALA B 94 -25.50 10.62 -2.77
CA ALA B 94 -25.89 9.24 -3.03
C ALA B 94 -26.80 8.71 -1.93
N HIS B 95 -26.47 9.05 -0.68
CA HIS B 95 -27.25 8.63 0.47
C HIS B 95 -28.59 9.37 0.60
N GLN B 96 -28.54 10.69 0.44
CA GLN B 96 -29.77 11.49 0.34
C GLN B 96 -30.71 10.87 -0.69
N PHE B 97 -30.14 10.39 -1.80
CA PHE B 97 -30.92 9.78 -2.87
C PHE B 97 -31.68 8.53 -2.41
N THR B 98 -30.98 7.55 -1.84
CA THR B 98 -31.62 6.30 -1.44
C THR B 98 -32.49 6.45 -0.19
N GLN B 99 -32.40 7.58 0.48
CA GLN B 99 -33.29 7.84 1.60
C GLN B 99 -34.60 8.46 1.09
N VAL B 100 -34.59 8.83 -0.19
CA VAL B 100 -35.77 9.36 -0.87
C VAL B 100 -36.38 8.31 -1.81
N GLN B 101 -35.52 7.65 -2.57
CA GLN B 101 -35.94 6.56 -3.46
C GLN B 101 -35.58 5.25 -2.77
N ARG B 102 -36.42 4.84 -1.82
CA ARG B 102 -36.12 3.68 -1.00
C ARG B 102 -36.16 2.38 -1.79
N ASP B 103 -36.20 2.51 -3.11
CA ASP B 103 -36.16 1.36 -4.00
C ASP B 103 -34.73 0.89 -4.22
N MET B 104 -33.77 1.74 -3.90
CA MET B 104 -32.38 1.44 -4.22
C MET B 104 -31.44 1.44 -3.02
N PHE B 105 -30.30 0.75 -3.18
CA PHE B 105 -29.35 0.49 -2.09
C PHE B 105 -27.94 0.92 -2.48
N THR B 106 -27.27 1.63 -1.60
CA THR B 106 -25.82 1.73 -1.67
C THR B 106 -25.28 0.71 -0.68
N LEU B 107 -23.96 0.62 -0.61
CA LEU B 107 -23.31 -0.31 0.30
C LEU B 107 -23.59 0.05 1.77
N GLU B 108 -23.60 1.35 2.07
CA GLU B 108 -23.93 1.80 3.43
C GLU B 108 -25.39 1.53 3.89
N ASP B 109 -26.23 1.04 2.98
CA ASP B 109 -27.59 0.61 3.33
C ASP B 109 -27.66 -0.89 3.66
N THR B 110 -26.54 -1.60 3.59
CA THR B 110 -26.46 -2.98 4.06
C THR B 110 -25.98 -3.02 5.52
N LEU B 111 -26.33 -4.09 6.23
CA LEU B 111 -25.94 -4.20 7.63
C LEU B 111 -24.44 -3.93 7.81
N LEU B 112 -23.60 -4.55 6.98
CA LEU B 112 -22.16 -4.43 7.22
C LEU B 112 -21.63 -3.04 6.86
N GLY B 113 -22.13 -2.46 5.78
CA GLY B 113 -21.72 -1.11 5.42
C GLY B 113 -22.21 -0.12 6.47
N TYR B 114 -23.43 -0.35 6.98
CA TYR B 114 -24.05 0.52 8.00
C TYR B 114 -23.27 0.52 9.31
N LEU B 115 -22.82 -0.66 9.73
CA LEU B 115 -21.98 -0.79 10.93
C LEU B 115 -20.71 0.05 10.88
N ALA B 116 -20.09 0.14 9.71
CA ALA B 116 -18.71 0.63 9.59
C ALA B 116 -18.56 2.05 9.07
N ASP B 117 -19.62 2.57 8.48
CA ASP B 117 -19.60 3.89 7.82
C ASP B 117 -19.06 5.01 8.73
N ASP B 118 -18.08 5.75 8.21
CA ASP B 118 -17.50 6.89 8.92
C ASP B 118 -16.71 6.54 10.19
N LEU B 119 -16.40 5.26 10.41
CA LEU B 119 -15.63 4.86 11.60
C LEU B 119 -14.18 4.48 11.25
N THR B 120 -13.29 4.54 12.24
CA THR B 120 -11.89 4.12 12.08
C THR B 120 -11.59 3.12 13.19
N TRP B 121 -10.77 2.12 12.91
CA TRP B 121 -10.39 1.15 13.97
C TRP B 121 -9.03 0.50 13.66
N CYS B 122 -8.27 0.17 14.70
CA CYS B 122 -7.14 -0.75 14.53
C CYS B 122 -6.75 -1.30 15.87
N GLY B 123 -5.97 -2.37 15.84
CA GLY B 123 -5.53 -3.01 17.08
C GLY B 123 -4.03 -2.85 17.23
N GLU B 124 -3.43 -3.70 18.06
CA GLU B 124 -2.00 -3.67 18.32
C GLU B 124 -1.41 -5.06 18.16
N PHE B 125 -0.19 -5.13 17.66
CA PHE B 125 0.48 -6.39 17.57
C PHE B 125 0.71 -7.01 18.95
N ASP B 126 0.18 -8.20 19.16
CA ASP B 126 0.49 -8.97 20.37
C ASP B 126 -0.07 -8.41 21.69
N THR B 127 -1.12 -7.60 21.61
CA THR B 127 -1.91 -7.31 22.81
C THR B 127 -3.36 -7.41 22.40
N SER B 128 -4.26 -7.46 23.38
CA SER B 128 -5.67 -7.51 23.04
C SER B 128 -6.30 -6.11 23.02
N LYS B 129 -5.49 -5.07 23.13
CA LYS B 129 -6.02 -3.70 23.25
C LYS B 129 -6.35 -3.04 21.90
N ILE B 130 -7.43 -2.25 21.89
CA ILE B 130 -7.75 -1.43 20.72
C ILE B 130 -6.90 -0.15 20.77
N ASN B 131 -6.40 0.31 19.62
CA ASN B 131 -5.56 1.54 19.59
C ASN B 131 -6.40 2.81 19.34
N TYR B 132 -6.62 3.60 20.40
CA TYR B 132 -7.38 4.83 20.31
C TYR B 132 -6.51 6.07 20.02
N GLN B 133 -5.20 5.90 19.92
CA GLN B 133 -4.33 7.07 19.69
C GLN B 133 -4.06 7.34 18.22
N SER B 134 -3.76 6.28 17.46
CA SER B 134 -3.48 6.44 16.04
C SER B 134 -3.64 5.10 15.32
N CYS B 135 -3.87 5.16 14.00
CA CYS B 135 -3.96 3.96 13.14
C CYS B 135 -3.29 4.28 11.81
N PRO B 136 -2.85 3.24 11.08
CA PRO B 136 -2.12 3.45 9.82
C PRO B 136 -2.86 4.31 8.81
N ASP B 137 -2.13 5.22 8.15
CA ASP B 137 -2.67 5.99 7.05
C ASP B 137 -2.42 5.16 5.80
N TRP B 138 -3.43 5.02 4.94
CA TRP B 138 -3.32 4.23 3.74
C TRP B 138 -2.07 4.59 2.92
N ARG B 139 -1.85 5.89 2.73
CA ARG B 139 -0.75 6.36 1.89
C ARG B 139 0.60 6.42 2.60
N LYS B 140 0.64 7.04 3.78
CA LYS B 140 1.91 7.29 4.47
C LYS B 140 2.45 6.06 5.20
N ASP B 141 1.56 5.17 5.61
CA ASP B 141 1.96 4.01 6.39
C ASP B 141 1.93 2.69 5.61
N CYS B 142 0.73 2.14 5.41
CA CYS B 142 0.56 0.85 4.76
C CYS B 142 -0.89 0.63 4.31
N SER B 143 -1.07 -0.07 3.19
CA SER B 143 -2.42 -0.21 2.63
C SER B 143 -3.23 -1.42 3.14
N ASN B 144 -2.57 -2.41 3.73
CA ASN B 144 -3.29 -3.57 4.25
C ASN B 144 -3.68 -3.39 5.73
N ASN B 145 -4.40 -2.30 6.01
CA ASN B 145 -4.81 -1.99 7.37
C ASN B 145 -6.25 -2.45 7.65
N PRO B 146 -6.67 -2.51 8.92
CA PRO B 146 -8.01 -3.03 9.21
C PRO B 146 -9.18 -2.32 8.47
N VAL B 147 -9.10 -1.00 8.31
CA VAL B 147 -10.18 -0.24 7.67
C VAL B 147 -10.19 -0.48 6.16
N SER B 148 -9.05 -0.33 5.51
CA SER B 148 -8.99 -0.48 4.06
C SER B 148 -9.27 -1.91 3.58
N VAL B 149 -8.80 -2.89 4.33
CA VAL B 149 -9.01 -4.28 3.95
C VAL B 149 -10.50 -4.64 4.12
N PHE B 150 -11.14 -4.04 5.11
CA PHE B 150 -12.59 -4.23 5.29
C PHE B 150 -13.40 -3.74 4.08
N TRP B 151 -13.13 -2.50 3.66
CA TRP B 151 -13.91 -1.90 2.58
C TRP B 151 -13.65 -2.61 1.25
N LYS B 152 -12.43 -3.15 1.10
CA LYS B 152 -12.06 -3.90 -0.09
C LYS B 152 -12.88 -5.21 -0.16
N THR B 153 -12.98 -5.91 0.97
CA THR B 153 -13.69 -7.18 1.00
C THR B 153 -15.19 -7.02 0.76
N VAL B 154 -15.82 -6.04 1.40
CA VAL B 154 -17.28 -5.93 1.30
C VAL B 154 -17.70 -5.35 -0.05
N SER B 155 -16.94 -4.38 -0.56
CA SER B 155 -17.19 -3.79 -1.86
C SER B 155 -17.16 -4.81 -3.00
N ARG B 156 -16.26 -5.79 -2.89
CA ARG B 156 -16.10 -6.78 -3.96
C ARG B 156 -17.29 -7.74 -4.00
N ARG B 157 -17.67 -8.23 -2.82
CA ARG B 157 -18.89 -9.03 -2.69
C ARG B 157 -20.09 -8.28 -3.25
N PHE B 158 -20.29 -7.05 -2.78
CA PHE B 158 -21.40 -6.21 -3.23
C PHE B 158 -21.44 -6.11 -4.75
N ALA B 159 -20.31 -5.79 -5.37
CA ALA B 159 -20.24 -5.68 -6.83
C ALA B 159 -20.58 -7.01 -7.51
N GLU B 160 -20.02 -8.11 -7.02
CA GLU B 160 -20.27 -9.43 -7.56
C GLU B 160 -21.75 -9.82 -7.57
N ALA B 161 -22.53 -9.22 -6.68
CA ALA B 161 -23.94 -9.57 -6.57
C ALA B 161 -24.86 -8.74 -7.46
N ALA B 162 -24.36 -7.62 -8.00
CA ALA B 162 -25.20 -6.74 -8.81
C ALA B 162 -25.58 -7.39 -10.15
N CYS B 163 -26.71 -6.97 -10.70
CA CYS B 163 -27.22 -7.55 -11.95
C CYS B 163 -28.09 -6.57 -12.73
N ASP B 164 -28.41 -6.95 -13.97
CA ASP B 164 -29.27 -6.16 -14.84
C ASP B 164 -28.63 -4.80 -15.15
N VAL B 165 -29.24 -3.73 -14.66
CA VAL B 165 -28.66 -2.40 -14.82
C VAL B 165 -28.08 -1.92 -13.49
N VAL B 166 -26.83 -1.50 -13.50
CA VAL B 166 -26.15 -1.01 -12.30
C VAL B 166 -25.83 0.47 -12.50
N HIS B 167 -26.13 1.28 -11.48
CA HIS B 167 -25.92 2.73 -11.55
C HIS B 167 -24.76 3.19 -10.68
N VAL B 168 -24.04 4.20 -11.14
CA VAL B 168 -22.96 4.76 -10.35
C VAL B 168 -22.95 6.30 -10.42
N MET B 169 -22.96 6.94 -9.25
CA MET B 169 -22.80 8.39 -9.17
C MET B 169 -21.31 8.79 -9.15
N LEU B 170 -20.93 9.69 -10.04
CA LEU B 170 -19.59 10.27 -10.01
C LEU B 170 -19.68 11.79 -9.86
N ASP B 171 -18.61 12.40 -9.37
CA ASP B 171 -18.60 13.83 -9.08
C ASP B 171 -18.01 14.63 -10.24
N GLY B 172 -18.87 15.39 -10.92
CA GLY B 172 -18.48 16.13 -12.10
C GLY B 172 -17.80 17.46 -11.86
N SER B 173 -17.00 17.53 -10.81
CA SER B 173 -16.13 18.67 -10.56
C SER B 173 -14.86 18.19 -9.87
N ARG B 174 -14.49 16.94 -10.17
CA ARG B 174 -13.27 16.33 -9.63
C ARG B 174 -12.13 16.47 -10.61
N SER B 175 -10.91 16.29 -10.10
CA SER B 175 -9.72 16.27 -10.96
C SER B 175 -9.86 15.09 -11.92
N LYS B 176 -10.32 13.97 -11.38
CA LYS B 176 -10.59 12.77 -12.18
C LYS B 176 -12.02 12.33 -11.91
N ILE B 177 -12.93 12.68 -12.82
CA ILE B 177 -14.33 12.30 -12.64
C ILE B 177 -14.42 10.79 -12.43
N PHE B 178 -13.79 10.02 -13.30
CA PHE B 178 -13.58 8.60 -13.05
C PHE B 178 -12.12 8.36 -12.69
N ASP B 179 -11.91 7.86 -11.47
CA ASP B 179 -10.56 7.53 -11.03
C ASP B 179 -10.25 6.05 -11.24
N LYS B 180 -9.33 5.78 -12.16
CA LYS B 180 -8.96 4.42 -12.53
C LYS B 180 -8.55 3.58 -11.33
N ASP B 181 -8.07 4.22 -10.28
CA ASP B 181 -7.46 3.51 -9.17
C ASP B 181 -8.28 3.52 -7.88
N SER B 182 -9.36 4.30 -7.84
CA SER B 182 -10.24 4.33 -6.68
C SER B 182 -10.76 2.92 -6.39
N THR B 183 -11.42 2.74 -5.25
CA THR B 183 -12.00 1.43 -4.94
C THR B 183 -13.08 1.06 -5.95
N PHE B 184 -13.84 2.05 -6.41
CA PHE B 184 -14.79 1.78 -7.49
C PHE B 184 -14.04 1.32 -8.75
N GLY B 185 -12.97 2.04 -9.08
CA GLY B 185 -12.20 1.76 -10.27
C GLY B 185 -11.42 0.46 -10.25
N SER B 186 -10.80 0.17 -9.11
CA SER B 186 -9.92 -1.00 -9.01
C SER B 186 -10.63 -2.26 -8.57
N VAL B 187 -11.60 -2.13 -7.67
CA VAL B 187 -12.23 -3.31 -7.09
C VAL B 187 -13.61 -3.62 -7.69
N GLU B 188 -14.45 -2.61 -7.84
CA GLU B 188 -15.85 -2.84 -8.19
C GLU B 188 -16.11 -3.06 -9.68
N VAL B 189 -15.58 -2.17 -10.51
CA VAL B 189 -15.82 -2.30 -11.95
C VAL B 189 -15.25 -3.61 -12.46
N HIS B 190 -14.19 -4.09 -11.82
CA HIS B 190 -13.52 -5.32 -12.24
C HIS B 190 -14.28 -6.57 -11.82
N ASN B 191 -15.13 -6.45 -10.81
CA ASN B 191 -15.87 -7.60 -10.30
C ASN B 191 -17.34 -7.60 -10.66
N LEU B 192 -17.73 -6.75 -11.60
CA LEU B 192 -19.08 -6.81 -12.16
C LEU B 192 -19.17 -8.04 -13.08
N GLN B 193 -20.30 -8.75 -13.03
CA GLN B 193 -20.44 -10.04 -13.73
C GLN B 193 -21.23 -9.91 -15.03
N PRO B 194 -20.53 -9.98 -16.18
CA PRO B 194 -21.15 -9.89 -17.51
C PRO B 194 -22.33 -10.85 -17.71
N GLU B 195 -22.37 -11.95 -16.97
CA GLU B 195 -23.47 -12.91 -17.08
C GLU B 195 -24.70 -12.42 -16.31
N LYS B 196 -24.49 -11.43 -15.46
CA LYS B 196 -25.56 -10.87 -14.64
C LYS B 196 -25.87 -9.44 -15.06
N VAL B 197 -24.81 -8.68 -15.34
CA VAL B 197 -24.95 -7.25 -15.58
C VAL B 197 -24.97 -6.94 -17.07
N GLN B 198 -26.03 -6.26 -17.49
CA GLN B 198 -26.22 -5.93 -18.89
C GLN B 198 -25.63 -4.57 -19.22
N THR B 199 -25.78 -3.63 -18.28
CA THR B 199 -25.44 -2.23 -18.52
C THR B 199 -24.94 -1.51 -17.28
N LEU B 200 -23.90 -0.71 -17.46
CA LEU B 200 -23.44 0.20 -16.42
C LEU B 200 -23.82 1.63 -16.78
N GLU B 201 -24.70 2.23 -15.97
CA GLU B 201 -25.16 3.59 -16.23
C GLU B 201 -24.60 4.57 -15.21
N ALA B 202 -23.84 5.55 -15.70
CA ALA B 202 -23.16 6.51 -14.85
C ALA B 202 -23.90 7.86 -14.82
N TRP B 203 -24.10 8.40 -13.62
CA TRP B 203 -24.69 9.74 -13.46
C TRP B 203 -23.62 10.73 -13.02
N VAL B 204 -23.31 11.68 -13.89
CA VAL B 204 -22.27 12.67 -13.58
C VAL B 204 -22.89 13.94 -12.96
N ILE B 205 -22.66 14.15 -11.67
CA ILE B 205 -23.22 15.29 -10.96
C ILE B 205 -22.41 16.57 -11.16
N HIS B 206 -23.03 17.60 -11.72
CA HIS B 206 -22.35 18.88 -11.93
C HIS B 206 -21.98 19.58 -10.61
N SER B 212 -24.37 24.31 -18.72
CA SER B 212 -23.05 23.72 -18.54
C SER B 212 -22.68 22.81 -19.72
N ARG B 213 -21.55 22.14 -19.60
CA ARG B 213 -21.03 21.27 -20.65
C ARG B 213 -21.72 19.91 -20.68
N ASP B 214 -21.33 19.09 -21.66
CA ASP B 214 -21.72 17.69 -21.73
C ASP B 214 -20.58 16.85 -21.16
N LEU B 215 -20.59 16.66 -19.85
CA LEU B 215 -19.48 16.01 -19.14
C LEU B 215 -19.33 14.51 -19.48
N CYS B 216 -20.26 13.99 -20.27
CA CYS B 216 -20.18 12.59 -20.68
C CYS B 216 -19.14 12.40 -21.77
N GLN B 217 -18.47 13.48 -22.14
CA GLN B 217 -17.43 13.43 -23.16
C GLN B 217 -16.05 13.54 -22.54
N ASP B 218 -16.00 13.64 -21.22
CA ASP B 218 -14.74 13.74 -20.50
C ASP B 218 -13.89 12.49 -20.73
N PRO B 219 -12.58 12.69 -20.95
CA PRO B 219 -11.63 11.58 -21.14
C PRO B 219 -11.72 10.49 -20.05
N THR B 220 -11.74 10.88 -18.78
CA THR B 220 -11.82 9.89 -17.70
C THR B 220 -13.03 8.99 -17.88
N ILE B 221 -14.09 9.52 -18.46
CA ILE B 221 -15.29 8.75 -18.75
C ILE B 221 -15.09 7.84 -19.95
N LYS B 222 -14.45 8.36 -20.99
CA LYS B 222 -14.18 7.58 -22.19
C LYS B 222 -13.34 6.35 -21.87
N GLU B 223 -12.45 6.49 -20.88
CA GLU B 223 -11.69 5.35 -20.38
C GLU B 223 -12.61 4.33 -19.72
N LEU B 224 -13.47 4.81 -18.83
CA LEU B 224 -14.44 3.94 -18.15
C LEU B 224 -15.29 3.22 -19.19
N GLU B 225 -15.70 3.95 -20.23
CA GLU B 225 -16.46 3.38 -21.33
C GLU B 225 -15.74 2.19 -21.99
N SER B 226 -14.42 2.32 -22.14
CA SER B 226 -13.64 1.25 -22.78
C SER B 226 -13.43 0.07 -21.84
N ILE B 227 -13.19 0.36 -20.57
CA ILE B 227 -12.91 -0.67 -19.58
C ILE B 227 -14.04 -1.68 -19.46
N ILE B 228 -15.25 -1.21 -19.18
CA ILE B 228 -16.38 -2.12 -19.03
C ILE B 228 -16.79 -2.70 -20.39
N SER B 229 -16.59 -1.93 -21.44
CA SER B 229 -16.88 -2.39 -22.79
C SER B 229 -16.13 -3.69 -23.08
N LYS B 230 -14.90 -3.77 -22.59
CA LYS B 230 -14.05 -4.93 -22.84
C LYS B 230 -14.34 -6.04 -21.82
N ARG B 231 -15.30 -5.78 -20.95
CA ARG B 231 -15.84 -6.83 -20.09
C ARG B 231 -17.19 -7.25 -20.65
N ASN B 232 -17.50 -6.74 -21.84
CA ASN B 232 -18.71 -7.09 -22.55
C ASN B 232 -19.98 -6.60 -21.85
N ILE B 233 -19.91 -5.36 -21.35
CA ILE B 233 -21.04 -4.72 -20.67
C ILE B 233 -21.34 -3.39 -21.35
N GLN B 234 -22.61 -3.06 -21.49
CA GLN B 234 -23.02 -1.80 -22.13
C GLN B 234 -22.78 -0.61 -21.21
N PHE B 235 -22.29 0.49 -21.78
CA PHE B 235 -22.09 1.70 -20.99
C PHE B 235 -23.05 2.83 -21.39
N SER B 236 -23.56 3.53 -20.39
CA SER B 236 -24.43 4.68 -20.60
C SER B 236 -24.09 5.78 -19.61
N CYS B 237 -24.26 7.03 -20.03
CA CYS B 237 -23.90 8.16 -19.19
C CYS B 237 -24.96 9.26 -19.26
N LYS B 238 -25.16 9.96 -18.15
CA LYS B 238 -26.18 11.01 -18.06
C LYS B 238 -25.70 12.17 -17.19
N ASN B 239 -25.76 13.38 -17.73
CA ASN B 239 -25.39 14.58 -16.99
C ASN B 239 -26.46 14.98 -15.99
N ILE B 240 -26.09 15.15 -14.73
CA ILE B 240 -26.99 15.76 -13.76
C ILE B 240 -26.59 17.21 -13.52
N TYR B 241 -27.35 18.14 -14.11
CA TYR B 241 -27.04 19.56 -14.01
C TYR B 241 -27.47 20.17 -12.67
N ARG B 242 -28.74 20.02 -12.33
CA ARG B 242 -29.28 20.56 -11.08
C ARG B 242 -29.46 19.49 -10.00
N PRO B 243 -28.41 19.22 -9.22
CA PRO B 243 -28.51 18.23 -8.14
C PRO B 243 -29.62 18.61 -7.16
N ASP B 244 -29.80 19.91 -6.94
CA ASP B 244 -30.79 20.41 -6.01
C ASP B 244 -32.22 20.12 -6.46
N LYS B 245 -32.53 20.40 -7.73
CA LYS B 245 -33.85 20.10 -8.24
C LYS B 245 -34.03 18.62 -8.55
N PHE B 246 -32.93 17.96 -8.93
CA PHE B 246 -32.95 16.52 -9.15
C PHE B 246 -33.54 15.84 -7.92
N LEU B 247 -32.91 16.09 -6.78
CA LEU B 247 -33.39 15.57 -5.51
C LEU B 247 -34.86 15.93 -5.27
N GLN B 248 -35.26 17.09 -5.76
CA GLN B 248 -36.64 17.55 -5.58
C GLN B 248 -37.62 16.73 -6.40
N CYS B 249 -37.23 16.42 -7.63
CA CYS B 249 -38.08 15.65 -8.53
C CYS B 249 -38.20 14.19 -8.09
N VAL B 250 -37.16 13.68 -7.43
CA VAL B 250 -37.21 12.32 -6.90
C VAL B 250 -38.24 12.26 -5.76
N LYS B 251 -38.15 13.21 -4.84
CA LYS B 251 -39.09 13.29 -3.73
C LYS B 251 -40.52 13.38 -4.26
#